data_2VS5
#
_entry.id   2VS5
#
_cell.length_a   87.027
_cell.length_b   91.370
_cell.length_c   94.630
_cell.angle_alpha   90.00
_cell.angle_beta   90.00
_cell.angle_gamma   90.00
#
_symmetry.space_group_name_H-M   'P 21 21 21'
#
loop_
_entity.id
_entity.type
_entity.pdbx_description
1 polymer 'N-ACETYLLACTOSAMINIDE ALPHA-1,3-GALACTOSYLTRANSFERASE'
2 non-polymer 'MANGANESE (II) ION'
3 non-polymer "GALACTOSE-URIDINE-5'-DIPHOSPHATE"
4 non-polymer (4S)-2-METHYL-2,4-PENTANEDIOL
5 water water
#
_entity_poly.entity_id   1
_entity_poly.type   'polypeptide(L)'
_entity_poly.pdbx_seq_one_letter_code
;ESKLKLSDWFNPFKRPEVVTMTKWKAPVVWEGTYNRAVLDNYYAKQKITVGLTVFAVGRYIEHYLEEFLTSANKHFMVGH
PVIFYIMVDDVSRMPLIELGPLRSFKVFKIKPEKRWQDISMMRMKTIGEHIVAHIQHEVDFLFCMDVDQVFQDKFGVETL
GESVAQLQAWWYKADPNDFTYERRKESAAYIPFGEGDFYYHAAIFGGTPTQVLNITQECFKGILKDKKNDIEAQWHDQSH
LNKYFLLNKPTKILSPEYCWDYHIGLPADIKLVKMSWQTKEYNVVR
;
_entity_poly.pdbx_strand_id   A,B
#
# COMPACT_ATOMS: atom_id res chain seq x y z
N LEU A 4 -29.37 -2.62 -21.43
CA LEU A 4 -28.67 -3.11 -20.20
C LEU A 4 -29.43 -2.72 -18.94
N LYS A 5 -29.68 -3.70 -18.07
CA LYS A 5 -30.39 -3.46 -16.82
C LYS A 5 -29.40 -3.47 -15.66
N LEU A 6 -29.67 -2.66 -14.64
CA LEU A 6 -28.80 -2.61 -13.49
C LEU A 6 -28.64 -3.99 -12.86
N SER A 7 -29.72 -4.77 -12.82
CA SER A 7 -29.69 -6.11 -12.24
C SER A 7 -28.87 -7.10 -13.07
N ASP A 8 -28.54 -6.74 -14.30
CA ASP A 8 -27.77 -7.62 -15.16
C ASP A 8 -26.31 -7.70 -14.76
N TRP A 9 -25.82 -6.69 -14.03
CA TRP A 9 -24.41 -6.66 -13.65
C TRP A 9 -24.14 -6.23 -12.22
N PHE A 10 -25.16 -5.71 -11.55
CA PHE A 10 -25.00 -5.20 -10.20
C PHE A 10 -25.81 -5.93 -9.15
N ASN A 11 -25.13 -6.48 -8.14
CA ASN A 11 -25.80 -7.19 -7.06
C ASN A 11 -25.40 -6.54 -5.74
N PRO A 12 -26.23 -5.60 -5.24
CA PRO A 12 -25.91 -4.92 -3.99
C PRO A 12 -25.89 -5.85 -2.76
N PHE A 13 -26.61 -6.96 -2.85
CA PHE A 13 -26.67 -7.90 -1.74
C PHE A 13 -25.33 -8.52 -1.36
N LYS A 14 -24.31 -8.29 -2.19
CA LYS A 14 -22.97 -8.81 -1.92
C LYS A 14 -22.19 -7.91 -0.96
N ARG A 15 -22.69 -6.70 -0.73
CA ARG A 15 -22.04 -5.76 0.17
C ARG A 15 -23.13 -5.12 1.03
N PRO A 16 -23.69 -5.89 1.97
CA PRO A 16 -24.76 -5.39 2.84
C PRO A 16 -24.33 -4.36 3.88
N GLU A 17 -23.04 -4.29 4.16
CA GLU A 17 -22.52 -3.38 5.18
C GLU A 17 -22.15 -1.95 4.75
N VAL A 18 -22.38 -1.64 3.48
CA VAL A 18 -22.07 -0.31 2.95
C VAL A 18 -23.26 0.19 2.13
N VAL A 19 -23.26 1.47 1.79
CA VAL A 19 -24.34 2.03 0.98
C VAL A 19 -24.11 1.59 -0.47
N THR A 20 -25.08 0.88 -1.03
CA THR A 20 -24.95 0.38 -2.40
C THR A 20 -25.93 1.01 -3.40
N MET A 21 -26.93 1.73 -2.90
CA MET A 21 -27.92 2.39 -3.73
C MET A 21 -28.28 3.73 -3.10
N THR A 22 -28.35 4.79 -3.91
CA THR A 22 -28.70 6.11 -3.39
C THR A 22 -30.22 6.22 -3.36
N LYS A 23 -30.72 7.27 -2.73
CA LYS A 23 -32.16 7.48 -2.65
C LYS A 23 -32.76 7.75 -4.03
N TRP A 24 -31.92 8.13 -4.99
CA TRP A 24 -32.43 8.36 -6.34
C TRP A 24 -32.07 7.18 -7.26
N LYS A 25 -31.88 6.02 -6.63
CA LYS A 25 -31.58 4.76 -7.30
C LYS A 25 -30.32 4.65 -8.14
N ALA A 26 -29.29 5.42 -7.79
CA ALA A 26 -28.02 5.35 -8.51
C ALA A 26 -27.22 4.31 -7.74
N PRO A 27 -26.52 3.42 -8.44
CA PRO A 27 -25.73 2.42 -7.71
C PRO A 27 -24.42 2.98 -7.20
N VAL A 28 -23.96 2.48 -6.06
CA VAL A 28 -22.68 2.86 -5.49
C VAL A 28 -21.85 1.59 -5.67
N VAL A 29 -20.89 1.64 -6.59
CA VAL A 29 -20.09 0.46 -6.90
C VAL A 29 -18.95 0.12 -5.95
N TRP A 30 -19.09 -1.03 -5.29
CA TRP A 30 -18.09 -1.55 -4.35
C TRP A 30 -17.61 -2.91 -4.86
N GLU A 31 -16.38 -3.26 -4.51
CA GLU A 31 -15.81 -4.55 -4.90
C GLU A 31 -16.79 -5.65 -4.46
N GLY A 32 -17.11 -6.54 -5.39
CA GLY A 32 -18.02 -7.64 -5.08
C GLY A 32 -19.43 -7.44 -5.59
N THR A 33 -19.78 -6.22 -5.97
CA THR A 33 -21.13 -5.93 -6.45
C THR A 33 -21.28 -5.93 -7.96
N TYR A 34 -20.15 -5.91 -8.68
CA TYR A 34 -20.19 -5.85 -10.13
C TYR A 34 -19.71 -7.10 -10.87
N ASN A 35 -20.33 -7.34 -12.02
CA ASN A 35 -19.96 -8.47 -12.89
C ASN A 35 -19.27 -7.82 -14.08
N ARG A 36 -17.96 -7.69 -14.01
CA ARG A 36 -17.22 -7.05 -15.10
C ARG A 36 -17.26 -7.85 -16.40
N ALA A 37 -17.34 -9.18 -16.29
CA ALA A 37 -17.37 -10.02 -17.49
C ALA A 37 -18.59 -9.67 -18.34
N VAL A 38 -19.74 -9.54 -17.69
CA VAL A 38 -20.99 -9.18 -18.37
C VAL A 38 -20.84 -7.82 -19.04
N LEU A 39 -20.29 -6.85 -18.32
CA LEU A 39 -20.11 -5.50 -18.85
C LEU A 39 -19.08 -5.42 -19.98
N ASP A 40 -17.95 -6.10 -19.84
CA ASP A 40 -16.94 -6.08 -20.90
C ASP A 40 -17.57 -6.57 -22.20
N ASN A 41 -18.36 -7.63 -22.11
CA ASN A 41 -19.01 -8.18 -23.31
C ASN A 41 -19.98 -7.17 -23.91
N TYR A 42 -20.84 -6.61 -23.08
CA TYR A 42 -21.82 -5.62 -23.52
C TYR A 42 -21.18 -4.41 -24.17
N TYR A 43 -20.19 -3.82 -23.49
CA TYR A 43 -19.52 -2.64 -24.04
C TYR A 43 -18.62 -2.97 -25.22
N ALA A 44 -18.01 -4.14 -25.22
CA ALA A 44 -17.14 -4.51 -26.34
C ALA A 44 -18.00 -4.61 -27.60
N LYS A 45 -19.20 -5.16 -27.46
CA LYS A 45 -20.10 -5.31 -28.59
C LYS A 45 -20.50 -3.97 -29.18
N GLN A 46 -20.43 -2.92 -28.36
CA GLN A 46 -20.76 -1.58 -28.82
C GLN A 46 -19.51 -0.83 -29.25
N LYS A 47 -18.35 -1.46 -29.10
CA LYS A 47 -17.09 -0.84 -29.48
C LYS A 47 -16.94 0.56 -28.89
N ILE A 48 -16.95 0.66 -27.57
CA ILE A 48 -16.80 1.98 -26.96
C ILE A 48 -15.33 2.37 -26.84
N THR A 49 -15.09 3.66 -26.69
CA THR A 49 -13.75 4.20 -26.51
C THR A 49 -13.84 5.10 -25.27
N VAL A 50 -12.89 4.95 -24.35
CA VAL A 50 -12.90 5.76 -23.13
C VAL A 50 -11.72 6.70 -23.08
N GLY A 51 -11.99 7.94 -22.69
CA GLY A 51 -10.95 8.94 -22.59
C GLY A 51 -10.61 9.19 -21.13
N LEU A 52 -9.40 9.68 -20.90
CA LEU A 52 -8.92 9.98 -19.57
C LEU A 52 -8.04 11.22 -19.63
N THR A 53 -8.46 12.28 -18.96
CA THR A 53 -7.65 13.50 -18.97
C THR A 53 -6.85 13.58 -17.67
N VAL A 54 -5.65 14.13 -17.77
CA VAL A 54 -4.81 14.29 -16.60
C VAL A 54 -3.89 15.49 -16.80
N PHE A 55 -3.77 16.32 -15.78
CA PHE A 55 -2.92 17.50 -15.83
C PHE A 55 -1.69 17.34 -14.95
N ALA A 56 -0.54 17.75 -15.46
CA ALA A 56 0.71 17.67 -14.73
C ALA A 56 1.44 18.98 -15.00
N VAL A 57 1.50 19.85 -14.01
CA VAL A 57 2.15 21.15 -14.16
C VAL A 57 3.23 21.31 -13.11
N GLY A 58 4.36 21.85 -13.56
CA GLY A 58 5.46 22.06 -12.64
C GLY A 58 6.08 20.76 -12.20
N ARG A 59 6.40 20.67 -10.92
CA ARG A 59 7.03 19.48 -10.36
C ARG A 59 6.16 18.23 -10.42
N TYR A 60 4.86 18.38 -10.54
CA TYR A 60 3.98 17.22 -10.60
C TYR A 60 4.33 16.30 -11.77
N ILE A 61 4.89 16.89 -12.82
CA ILE A 61 5.27 16.11 -13.99
C ILE A 61 6.26 15.00 -13.63
N GLU A 62 7.41 15.39 -13.08
CA GLU A 62 8.43 14.40 -12.72
C GLU A 62 8.09 13.58 -11.49
N HIS A 63 7.24 14.11 -10.63
CA HIS A 63 6.88 13.37 -9.42
C HIS A 63 5.77 12.34 -9.60
N TYR A 64 4.78 12.66 -10.42
CA TYR A 64 3.64 11.76 -10.56
C TYR A 64 3.21 11.25 -11.92
N LEU A 65 3.42 12.03 -12.97
CA LEU A 65 2.94 11.66 -14.30
C LEU A 65 3.30 10.27 -14.81
N GLU A 66 4.57 9.89 -14.74
CA GLU A 66 4.98 8.57 -15.21
C GLU A 66 4.27 7.46 -14.44
N GLU A 67 4.24 7.56 -13.12
CA GLU A 67 3.59 6.54 -12.32
C GLU A 67 2.09 6.43 -12.62
N PHE A 68 1.47 7.57 -12.88
CA PHE A 68 0.05 7.61 -13.20
C PHE A 68 -0.22 6.96 -14.55
N LEU A 69 0.55 7.35 -15.57
CA LEU A 69 0.35 6.79 -16.90
C LEU A 69 0.70 5.30 -16.99
N THR A 70 1.82 4.92 -16.39
CA THR A 70 2.23 3.53 -16.41
C THR A 70 1.16 2.64 -15.78
N SER A 71 0.65 3.04 -14.61
CA SER A 71 -0.37 2.25 -13.94
C SER A 71 -1.72 2.28 -14.67
N ALA A 72 -2.05 3.42 -15.27
CA ALA A 72 -3.30 3.54 -16.01
C ALA A 72 -3.25 2.61 -17.21
N ASN A 73 -2.13 2.63 -17.91
CA ASN A 73 -1.98 1.77 -19.08
C ASN A 73 -2.24 0.32 -18.72
N LYS A 74 -1.87 -0.04 -17.51
CA LYS A 74 -1.99 -1.41 -17.03
C LYS A 74 -3.34 -1.80 -16.45
N HIS A 75 -4.03 -0.85 -15.82
CA HIS A 75 -5.30 -1.15 -15.13
C HIS A 75 -6.59 -0.46 -15.59
N PHE A 76 -6.49 0.61 -16.37
CA PHE A 76 -7.66 1.36 -16.79
C PHE A 76 -8.39 0.84 -18.03
N MET A 77 -9.65 0.45 -17.86
CA MET A 77 -10.48 -0.04 -18.97
C MET A 77 -9.80 -1.09 -19.85
N VAL A 78 -9.05 -2.01 -19.26
CA VAL A 78 -8.38 -3.02 -20.05
C VAL A 78 -9.37 -3.75 -20.94
N GLY A 79 -8.97 -3.99 -22.19
CA GLY A 79 -9.82 -4.68 -23.13
C GLY A 79 -10.64 -3.76 -24.02
N HIS A 80 -10.54 -2.45 -23.78
CA HIS A 80 -11.28 -1.47 -24.58
C HIS A 80 -10.36 -0.33 -24.98
N PRO A 81 -10.62 0.27 -26.15
CA PRO A 81 -9.78 1.39 -26.62
C PRO A 81 -9.80 2.54 -25.60
N VAL A 82 -8.62 3.04 -25.27
CA VAL A 82 -8.49 4.15 -24.34
C VAL A 82 -7.60 5.22 -24.93
N ILE A 83 -7.94 6.49 -24.70
CA ILE A 83 -7.14 7.60 -25.18
C ILE A 83 -6.78 8.45 -23.97
N PHE A 84 -5.49 8.64 -23.74
CA PHE A 84 -5.01 9.46 -22.63
C PHE A 84 -4.77 10.89 -23.11
N TYR A 85 -5.45 11.85 -22.49
CA TYR A 85 -5.27 13.25 -22.84
C TYR A 85 -4.37 13.87 -21.78
N ILE A 86 -3.13 14.14 -22.14
CA ILE A 86 -2.14 14.68 -21.23
C ILE A 86 -1.93 16.19 -21.35
N MET A 87 -2.23 16.92 -20.29
CA MET A 87 -2.05 18.37 -20.28
C MET A 87 -0.89 18.75 -19.37
N VAL A 88 0.20 19.25 -19.96
CA VAL A 88 1.37 19.66 -19.19
C VAL A 88 1.82 21.04 -19.63
N ASP A 89 2.57 21.73 -18.77
CA ASP A 89 3.05 23.07 -19.10
C ASP A 89 4.39 23.02 -19.85
N ASP A 90 5.04 21.87 -19.82
CA ASP A 90 6.32 21.68 -20.48
C ASP A 90 6.37 20.29 -21.13
N VAL A 91 6.02 20.23 -22.41
CA VAL A 91 5.99 18.99 -23.16
C VAL A 91 7.34 18.30 -23.30
N SER A 92 8.42 19.06 -23.20
CA SER A 92 9.76 18.49 -23.33
C SER A 92 10.06 17.55 -22.17
N ARG A 93 9.28 17.65 -21.11
CA ARG A 93 9.51 16.79 -19.96
C ARG A 93 8.47 15.67 -19.88
N MET A 94 7.46 15.76 -20.73
CA MET A 94 6.44 14.72 -20.84
C MET A 94 7.06 13.35 -21.04
N PRO A 95 7.10 12.57 -19.96
CA PRO A 95 7.72 11.24 -20.00
C PRO A 95 6.99 10.24 -20.90
N LEU A 96 7.53 10.02 -22.09
CA LEU A 96 6.91 9.08 -22.98
C LEU A 96 7.23 7.69 -22.46
N ILE A 97 6.20 6.90 -22.25
CA ILE A 97 6.34 5.54 -21.76
C ILE A 97 5.75 4.68 -22.86
N GLU A 98 5.94 3.38 -22.76
CA GLU A 98 5.38 2.50 -23.77
C GLU A 98 3.96 2.13 -23.36
N LEU A 99 3.02 2.30 -24.28
CA LEU A 99 1.62 1.98 -24.02
C LEU A 99 1.31 0.61 -24.60
N GLY A 100 0.38 -0.08 -23.99
CA GLY A 100 0.01 -1.40 -24.46
C GLY A 100 -1.11 -1.39 -25.47
N PRO A 101 -1.61 -2.58 -25.85
CA PRO A 101 -2.69 -2.73 -26.82
C PRO A 101 -3.93 -1.90 -26.45
N LEU A 102 -4.49 -1.22 -27.47
CA LEU A 102 -5.69 -0.41 -27.30
C LEU A 102 -5.52 0.90 -26.53
N ARG A 103 -4.28 1.31 -26.28
CA ARG A 103 -4.04 2.58 -25.61
C ARG A 103 -3.30 3.47 -26.60
N SER A 104 -3.60 4.78 -26.55
CA SER A 104 -2.92 5.77 -27.38
C SER A 104 -3.03 7.09 -26.62
N PHE A 105 -2.31 8.11 -27.05
CA PHE A 105 -2.36 9.38 -26.34
C PHE A 105 -2.32 10.62 -27.22
N LYS A 106 -2.56 11.76 -26.58
CA LYS A 106 -2.56 13.05 -27.22
C LYS A 106 -2.12 14.02 -26.12
N VAL A 107 -1.02 14.73 -26.36
CA VAL A 107 -0.46 15.67 -25.40
C VAL A 107 -0.70 17.12 -25.80
N PHE A 108 -1.02 17.96 -24.82
CA PHE A 108 -1.23 19.38 -25.10
C PHE A 108 -0.43 20.22 -24.10
N LYS A 109 0.18 21.29 -24.60
CA LYS A 109 0.95 22.19 -23.75
C LYS A 109 0.01 23.28 -23.26
N ILE A 110 -0.07 23.44 -21.94
CA ILE A 110 -0.95 24.45 -21.35
C ILE A 110 -0.16 25.51 -20.59
N LYS A 111 -0.83 26.58 -20.19
CA LYS A 111 -0.17 27.65 -19.44
C LYS A 111 -0.10 27.25 -17.97
N PRO A 112 1.06 27.47 -17.32
CA PRO A 112 1.12 27.10 -15.91
C PRO A 112 0.60 28.26 -15.06
N GLU A 113 -0.50 28.03 -14.34
CA GLU A 113 -1.07 29.06 -13.49
C GLU A 113 -0.14 29.28 -12.30
N LYS A 114 0.02 30.53 -11.88
CA LYS A 114 0.90 30.88 -10.77
C LYS A 114 0.54 30.16 -9.48
N ARG A 115 -0.72 30.30 -9.08
CA ARG A 115 -1.22 29.70 -7.86
C ARG A 115 -1.67 28.27 -8.09
N TRP A 116 -1.23 27.36 -7.22
CA TRP A 116 -1.59 25.97 -7.38
C TRP A 116 -3.11 25.79 -7.31
N GLN A 117 -3.76 26.69 -6.56
CA GLN A 117 -5.22 26.65 -6.43
C GLN A 117 -5.84 26.88 -7.81
N ASP A 118 -5.22 27.75 -8.60
CA ASP A 118 -5.70 28.03 -9.95
C ASP A 118 -5.31 26.93 -10.92
N ILE A 119 -4.18 26.27 -10.67
CA ILE A 119 -3.77 25.18 -11.54
C ILE A 119 -4.88 24.12 -11.45
N SER A 120 -5.30 23.84 -10.22
CA SER A 120 -6.35 22.86 -9.99
C SER A 120 -7.69 23.31 -10.59
N MET A 121 -8.10 24.54 -10.30
CA MET A 121 -9.39 25.05 -10.78
C MET A 121 -9.50 25.28 -12.29
N MET A 122 -8.44 25.77 -12.93
CA MET A 122 -8.49 26.02 -14.38
C MET A 122 -8.74 24.74 -15.18
N ARG A 123 -8.48 23.59 -14.59
CA ARG A 123 -8.71 22.34 -15.30
C ARG A 123 -10.15 22.29 -15.80
N MET A 124 -11.07 22.82 -15.00
CA MET A 124 -12.49 22.82 -15.37
C MET A 124 -12.71 23.55 -16.69
N LYS A 125 -12.01 24.66 -16.89
CA LYS A 125 -12.12 25.44 -18.11
C LYS A 125 -11.51 24.67 -19.29
N THR A 126 -10.26 24.26 -19.13
CA THR A 126 -9.53 23.54 -20.16
C THR A 126 -10.22 22.26 -20.62
N ILE A 127 -10.68 21.43 -19.66
CA ILE A 127 -11.36 20.19 -20.02
C ILE A 127 -12.57 20.51 -20.89
N GLY A 128 -13.35 21.50 -20.46
CA GLY A 128 -14.52 21.89 -21.23
C GLY A 128 -14.18 22.30 -22.65
N GLU A 129 -13.11 23.08 -22.81
CA GLU A 129 -12.71 23.52 -24.15
C GLU A 129 -12.34 22.30 -25.00
N HIS A 130 -11.63 21.35 -24.41
CA HIS A 130 -11.22 20.15 -25.14
C HIS A 130 -12.36 19.21 -25.49
N ILE A 131 -13.38 19.16 -24.65
CA ILE A 131 -14.52 18.31 -24.94
C ILE A 131 -15.19 18.84 -26.20
N VAL A 132 -15.39 20.16 -26.25
CA VAL A 132 -16.03 20.78 -27.40
C VAL A 132 -15.17 20.65 -28.67
N ALA A 133 -13.88 20.91 -28.53
CA ALA A 133 -12.98 20.85 -29.67
C ALA A 133 -12.80 19.45 -30.26
N HIS A 134 -12.63 18.44 -29.42
CA HIS A 134 -12.40 17.10 -29.97
C HIS A 134 -12.86 15.88 -29.19
N ILE A 135 -12.70 15.91 -27.87
CA ILE A 135 -13.08 14.74 -27.08
C ILE A 135 -14.49 14.24 -27.34
N GLN A 136 -15.44 15.14 -27.59
CA GLN A 136 -16.83 14.73 -27.84
C GLN A 136 -16.93 13.86 -29.08
N HIS A 137 -15.97 13.98 -29.98
CA HIS A 137 -16.00 13.20 -31.22
C HIS A 137 -15.13 11.95 -31.14
N GLU A 138 -14.33 11.85 -30.08
CA GLU A 138 -13.40 10.74 -29.95
C GLU A 138 -13.74 9.62 -28.98
N VAL A 139 -14.49 9.91 -27.93
CA VAL A 139 -14.82 8.88 -26.95
C VAL A 139 -16.29 8.84 -26.56
N ASP A 140 -16.69 7.73 -25.98
CA ASP A 140 -18.06 7.52 -25.53
C ASP A 140 -18.25 7.91 -24.07
N PHE A 141 -17.18 7.72 -23.29
CA PHE A 141 -17.18 8.08 -21.89
C PHE A 141 -15.84 8.72 -21.61
N LEU A 142 -15.80 9.59 -20.60
CA LEU A 142 -14.57 10.29 -20.24
C LEU A 142 -14.41 10.38 -18.73
N PHE A 143 -13.18 10.26 -18.27
CA PHE A 143 -12.87 10.41 -16.86
C PHE A 143 -11.83 11.51 -16.74
N CYS A 144 -11.93 12.31 -15.68
CA CYS A 144 -11.00 13.39 -15.43
C CYS A 144 -10.39 13.09 -14.07
N MET A 145 -9.07 12.99 -14.02
CA MET A 145 -8.40 12.65 -12.78
C MET A 145 -7.20 13.48 -12.36
N ASP A 146 -6.94 13.45 -11.06
CA ASP A 146 -5.80 14.11 -10.46
C ASP A 146 -4.62 13.24 -10.90
N VAL A 147 -3.44 13.82 -11.01
CA VAL A 147 -2.28 13.06 -11.44
C VAL A 147 -1.56 12.39 -10.28
N ASP A 148 -1.70 12.94 -9.07
CA ASP A 148 -1.02 12.39 -7.89
C ASP A 148 -1.69 11.16 -7.28
N GLN A 149 -1.98 10.17 -8.12
CA GLN A 149 -2.60 8.92 -7.70
C GLN A 149 -2.02 7.81 -8.55
N VAL A 150 -2.22 6.56 -8.12
CA VAL A 150 -1.70 5.40 -8.83
C VAL A 150 -2.74 4.29 -8.88
N PHE A 151 -2.96 3.72 -10.07
CA PHE A 151 -3.89 2.61 -10.21
C PHE A 151 -3.21 1.41 -9.56
N GLN A 152 -3.93 0.70 -8.71
CA GLN A 152 -3.37 -0.46 -8.01
C GLN A 152 -3.95 -1.76 -8.55
N ASP A 153 -5.17 -1.68 -9.10
CA ASP A 153 -5.79 -2.86 -9.66
C ASP A 153 -6.79 -2.43 -10.75
N LYS A 154 -7.51 -3.40 -11.29
CA LYS A 154 -8.46 -3.12 -12.36
C LYS A 154 -9.53 -2.06 -12.06
N PHE A 155 -9.57 -1.06 -12.93
CA PHE A 155 -10.49 0.06 -12.87
C PHE A 155 -11.20 -0.04 -14.23
N GLY A 156 -12.26 -0.83 -14.28
CA GLY A 156 -12.93 -1.06 -15.56
C GLY A 156 -14.30 -0.49 -15.87
N VAL A 157 -14.93 -1.10 -16.88
CA VAL A 157 -16.24 -0.66 -17.35
C VAL A 157 -17.34 -0.64 -16.30
N GLU A 158 -17.11 -1.26 -15.14
CA GLU A 158 -18.13 -1.23 -14.10
C GLU A 158 -18.29 0.20 -13.56
N THR A 159 -17.33 1.06 -13.91
CA THR A 159 -17.34 2.45 -13.47
C THR A 159 -17.98 3.43 -14.45
N LEU A 160 -18.36 2.94 -15.63
CA LEU A 160 -18.96 3.81 -16.64
C LEU A 160 -20.41 4.18 -16.35
N GLY A 161 -20.80 5.35 -16.84
CA GLY A 161 -22.16 5.83 -16.64
C GLY A 161 -22.32 7.25 -17.20
N GLU A 162 -23.54 7.76 -17.22
CA GLU A 162 -23.79 9.12 -17.73
C GLU A 162 -22.98 10.17 -16.98
N SER A 163 -23.07 10.14 -15.65
CA SER A 163 -22.32 11.06 -14.80
C SER A 163 -21.84 10.23 -13.62
N VAL A 164 -20.53 10.16 -13.44
CA VAL A 164 -19.93 9.36 -12.39
C VAL A 164 -19.18 10.22 -11.34
N ALA A 165 -19.45 9.95 -10.07
CA ALA A 165 -18.83 10.67 -8.98
C ALA A 165 -18.01 9.74 -8.08
N GLN A 166 -17.08 10.30 -7.33
CA GLN A 166 -16.22 9.52 -6.43
C GLN A 166 -16.45 9.89 -4.97
N LEU A 167 -16.62 8.89 -4.11
CA LEU A 167 -16.79 9.17 -2.68
C LEU A 167 -15.41 9.46 -2.11
N GLN A 168 -15.26 10.61 -1.47
CA GLN A 168 -13.97 10.99 -0.86
C GLN A 168 -13.70 10.01 0.28
N ALA A 169 -12.52 9.39 0.27
CA ALA A 169 -12.14 8.38 1.26
C ALA A 169 -12.27 8.74 2.73
N TRP A 170 -11.97 9.97 3.09
CA TRP A 170 -12.04 10.36 4.50
C TRP A 170 -13.43 10.67 5.05
N TRP A 171 -14.39 10.92 4.18
CA TRP A 171 -15.73 11.28 4.63
C TRP A 171 -16.90 10.39 4.27
N TYR A 172 -16.65 9.25 3.63
CA TYR A 172 -17.76 8.42 3.22
C TYR A 172 -18.71 7.93 4.31
N LYS A 173 -18.26 7.90 5.55
CA LYS A 173 -19.13 7.46 6.65
C LYS A 173 -19.70 8.62 7.47
N ALA A 174 -19.28 9.84 7.16
CA ALA A 174 -19.74 11.01 7.89
C ALA A 174 -21.15 11.46 7.55
N ASP A 175 -21.78 12.17 8.48
CA ASP A 175 -23.12 12.65 8.19
C ASP A 175 -22.93 13.99 7.46
N PRO A 176 -23.81 14.28 6.51
CA PRO A 176 -23.75 15.51 5.71
C PRO A 176 -23.43 16.82 6.45
N ASN A 177 -24.10 17.07 7.57
CA ASN A 177 -23.82 18.31 8.28
C ASN A 177 -22.39 18.44 8.77
N ASP A 178 -21.60 17.39 8.62
CA ASP A 178 -20.19 17.43 9.02
C ASP A 178 -19.26 17.56 7.82
N PHE A 179 -19.80 17.40 6.61
CA PHE A 179 -19.02 17.52 5.38
C PHE A 179 -18.42 18.93 5.30
N THR A 180 -17.22 19.01 4.74
CA THR A 180 -16.57 20.30 4.52
C THR A 180 -17.00 20.92 3.19
N TYR A 181 -18.31 21.03 2.99
CA TYR A 181 -18.85 21.71 1.82
C TYR A 181 -18.51 23.20 2.05
N GLU A 182 -18.69 24.02 1.02
CA GLU A 182 -18.45 25.46 1.16
C GLU A 182 -19.68 25.94 1.93
N ARG A 183 -19.47 26.58 3.07
CA ARG A 183 -20.58 27.03 3.90
C ARG A 183 -20.94 28.52 3.88
N ARG A 184 -20.13 29.34 3.19
CA ARG A 184 -20.41 30.76 3.09
C ARG A 184 -21.43 31.02 1.98
N LYS A 185 -22.50 31.74 2.32
CA LYS A 185 -23.55 32.05 1.35
C LYS A 185 -23.05 32.91 0.19
N GLU A 186 -21.93 33.60 0.41
CA GLU A 186 -21.34 34.46 -0.60
C GLU A 186 -20.70 33.69 -1.78
N SER A 187 -20.46 32.40 -1.59
CA SER A 187 -19.85 31.59 -2.66
C SER A 187 -20.86 30.84 -3.50
N ALA A 188 -20.57 30.69 -4.79
CA ALA A 188 -21.45 29.97 -5.69
C ALA A 188 -21.51 28.49 -5.30
N ALA A 189 -20.51 28.02 -4.56
CA ALA A 189 -20.43 26.62 -4.15
C ALA A 189 -21.18 26.32 -2.85
N TYR A 190 -21.79 27.35 -2.28
CA TYR A 190 -22.53 27.23 -1.03
C TYR A 190 -23.57 26.11 -0.97
N ILE A 191 -23.47 25.30 0.07
CA ILE A 191 -24.44 24.22 0.33
C ILE A 191 -24.85 24.40 1.79
N PRO A 192 -26.15 24.67 2.03
CA PRO A 192 -26.66 24.87 3.39
C PRO A 192 -26.60 23.63 4.26
N PHE A 193 -26.46 23.82 5.57
CA PHE A 193 -26.46 22.68 6.47
C PHE A 193 -27.88 22.13 6.32
N GLY A 194 -28.04 20.83 6.49
CA GLY A 194 -29.35 20.24 6.31
C GLY A 194 -29.55 19.75 4.88
N GLU A 195 -28.54 19.96 4.04
CA GLU A 195 -28.60 19.50 2.65
C GLU A 195 -27.32 18.73 2.30
N GLY A 196 -27.40 17.88 1.28
CA GLY A 196 -26.25 17.11 0.88
C GLY A 196 -26.46 15.61 0.95
N ASP A 197 -25.96 14.90 -0.06
CA ASP A 197 -26.08 13.45 -0.11
C ASP A 197 -24.76 12.79 0.31
N PHE A 198 -23.69 13.13 -0.38
CA PHE A 198 -22.36 12.59 -0.08
C PHE A 198 -21.31 13.66 -0.33
N TYR A 199 -20.08 13.41 0.11
CA TYR A 199 -19.01 14.35 -0.13
C TYR A 199 -18.14 13.72 -1.21
N TYR A 200 -18.18 14.30 -2.40
CA TYR A 200 -17.45 13.77 -3.54
C TYR A 200 -16.03 14.29 -3.66
N HIS A 201 -15.17 13.46 -4.25
CA HIS A 201 -13.77 13.78 -4.44
C HIS A 201 -13.58 14.26 -5.89
N ALA A 202 -12.99 15.44 -6.05
CA ALA A 202 -12.78 16.01 -7.38
C ALA A 202 -11.57 15.38 -8.08
N ALA A 203 -10.94 14.41 -7.40
CA ALA A 203 -9.78 13.71 -7.94
C ALA A 203 -10.21 12.76 -9.06
N ILE A 204 -11.51 12.43 -9.07
CA ILE A 204 -12.06 11.54 -10.09
C ILE A 204 -13.53 11.83 -10.33
N PHE A 205 -13.88 12.07 -11.59
CA PHE A 205 -15.26 12.26 -11.99
C PHE A 205 -15.31 12.00 -13.48
N GLY A 206 -16.47 11.62 -13.98
CA GLY A 206 -16.58 11.33 -15.39
C GLY A 206 -18.01 11.13 -15.85
N GLY A 207 -18.13 10.55 -17.04
CA GLY A 207 -19.43 10.31 -17.63
C GLY A 207 -19.31 10.50 -19.13
N THR A 208 -20.43 10.70 -19.81
CA THR A 208 -20.39 10.92 -21.25
C THR A 208 -19.79 12.30 -21.47
N PRO A 209 -19.25 12.56 -22.67
CA PRO A 209 -18.65 13.87 -22.94
C PRO A 209 -19.64 15.01 -22.68
N THR A 210 -20.92 14.78 -23.01
CA THR A 210 -21.96 15.79 -22.82
C THR A 210 -22.09 16.16 -21.35
N GLN A 211 -22.24 15.15 -20.49
CA GLN A 211 -22.38 15.38 -19.05
C GLN A 211 -21.15 16.02 -18.44
N VAL A 212 -19.97 15.51 -18.79
CA VAL A 212 -18.75 16.08 -18.23
C VAL A 212 -18.58 17.52 -18.69
N LEU A 213 -19.09 17.84 -19.88
CA LEU A 213 -19.02 19.21 -20.35
C LEU A 213 -19.85 20.08 -19.41
N ASN A 214 -21.04 19.60 -19.06
CA ASN A 214 -21.89 20.37 -18.17
C ASN A 214 -21.29 20.47 -16.77
N ILE A 215 -20.63 19.41 -16.32
CA ILE A 215 -20.01 19.42 -15.00
C ILE A 215 -18.93 20.51 -14.97
N THR A 216 -18.01 20.46 -15.93
CA THR A 216 -16.93 21.41 -15.97
C THR A 216 -17.39 22.84 -16.24
N GLN A 217 -18.33 23.00 -17.17
CA GLN A 217 -18.81 24.34 -17.48
C GLN A 217 -19.49 24.99 -16.28
N GLU A 218 -20.37 24.24 -15.62
CA GLU A 218 -21.06 24.78 -14.46
C GLU A 218 -20.10 25.05 -13.31
N CYS A 219 -19.11 24.18 -13.13
CA CYS A 219 -18.14 24.36 -12.04
C CYS A 219 -17.30 25.61 -12.29
N PHE A 220 -16.87 25.79 -13.53
CA PHE A 220 -16.05 26.95 -13.85
C PHE A 220 -16.86 28.24 -13.72
N LYS A 221 -18.14 28.18 -14.07
CA LYS A 221 -18.98 29.36 -13.95
C LYS A 221 -19.01 29.81 -12.49
N GLY A 222 -19.09 28.84 -11.57
CA GLY A 222 -19.11 29.16 -10.16
C GLY A 222 -17.75 29.67 -9.72
N ILE A 223 -16.71 29.06 -10.26
CA ILE A 223 -15.34 29.46 -9.95
C ILE A 223 -15.15 30.92 -10.39
N LEU A 224 -15.70 31.25 -11.56
CA LEU A 224 -15.60 32.61 -12.09
C LEU A 224 -16.43 33.59 -11.27
N LYS A 225 -17.63 33.18 -10.90
CA LYS A 225 -18.53 34.01 -10.11
C LYS A 225 -17.86 34.36 -8.77
N ASP A 226 -17.22 33.37 -8.15
CA ASP A 226 -16.55 33.62 -6.87
C ASP A 226 -15.38 34.59 -7.03
N LYS A 227 -14.58 34.43 -8.08
CA LYS A 227 -13.46 35.33 -8.31
C LYS A 227 -14.01 36.76 -8.49
N LYS A 228 -15.15 36.86 -9.15
CA LYS A 228 -15.77 38.15 -9.40
C LYS A 228 -16.14 38.81 -8.08
N ASN A 229 -16.64 38.02 -7.14
CA ASN A 229 -17.03 38.54 -5.83
C ASN A 229 -15.92 38.47 -4.78
N ASP A 230 -14.67 38.30 -5.23
CA ASP A 230 -13.53 38.25 -4.32
C ASP A 230 -13.67 37.23 -3.20
N ILE A 231 -13.96 35.99 -3.58
CA ILE A 231 -14.10 34.94 -2.60
C ILE A 231 -13.59 33.66 -3.25
N GLU A 232 -12.93 32.82 -2.46
CA GLU A 232 -12.41 31.57 -3.00
C GLU A 232 -12.80 30.43 -2.07
N ALA A 233 -13.53 29.46 -2.60
CA ALA A 233 -13.95 28.31 -1.82
C ALA A 233 -12.74 27.65 -1.16
N GLN A 234 -12.90 27.22 0.08
CA GLN A 234 -11.79 26.60 0.80
C GLN A 234 -11.23 25.38 0.08
N TRP A 235 -12.11 24.58 -0.52
CA TRP A 235 -11.67 23.38 -1.24
C TRP A 235 -11.73 23.52 -2.75
N HIS A 236 -11.68 24.77 -3.20
CA HIS A 236 -11.66 25.13 -4.61
C HIS A 236 -12.61 24.36 -5.51
N ASP A 237 -12.11 23.78 -6.60
CA ASP A 237 -12.99 23.06 -7.52
C ASP A 237 -13.78 21.91 -6.86
N GLN A 238 -13.24 21.35 -5.79
CA GLN A 238 -13.96 20.27 -5.13
C GLN A 238 -15.25 20.79 -4.52
N SER A 239 -15.21 22.00 -4.00
CA SER A 239 -16.40 22.59 -3.41
C SER A 239 -17.46 22.80 -4.48
N HIS A 240 -17.07 23.38 -5.60
CA HIS A 240 -18.00 23.62 -6.70
C HIS A 240 -18.53 22.29 -7.26
N LEU A 241 -17.66 21.29 -7.36
CA LEU A 241 -18.09 19.99 -7.88
C LEU A 241 -19.17 19.40 -6.98
N ASN A 242 -19.00 19.59 -5.68
CA ASN A 242 -19.97 19.06 -4.73
C ASN A 242 -21.31 19.78 -4.86
N LYS A 243 -21.27 21.07 -5.15
CA LYS A 243 -22.50 21.84 -5.33
C LYS A 243 -23.16 21.31 -6.61
N TYR A 244 -22.36 21.09 -7.65
CA TYR A 244 -22.91 20.59 -8.90
C TYR A 244 -23.61 19.26 -8.72
N PHE A 245 -22.92 18.30 -8.11
CA PHE A 245 -23.47 16.98 -7.90
C PHE A 245 -24.67 16.97 -6.96
N LEU A 246 -24.83 18.02 -6.17
CA LEU A 246 -25.99 18.08 -5.29
C LEU A 246 -27.20 18.41 -6.16
N LEU A 247 -27.02 19.36 -7.07
CA LEU A 247 -28.11 19.80 -7.95
C LEU A 247 -28.40 18.83 -9.09
N ASN A 248 -27.35 18.22 -9.62
CA ASN A 248 -27.44 17.27 -10.72
C ASN A 248 -26.87 15.94 -10.22
N LYS A 249 -27.71 15.14 -9.57
CA LYS A 249 -27.26 13.86 -9.00
C LYS A 249 -26.51 12.96 -9.97
N PRO A 250 -25.39 12.39 -9.53
CA PRO A 250 -24.64 11.49 -10.44
C PRO A 250 -25.46 10.22 -10.66
N THR A 251 -25.32 9.60 -11.83
CA THR A 251 -26.05 8.38 -12.16
C THR A 251 -25.30 7.14 -11.65
N LYS A 252 -24.09 7.36 -11.12
CA LYS A 252 -23.28 6.27 -10.57
C LYS A 252 -22.23 6.87 -9.65
N ILE A 253 -21.98 6.20 -8.53
CA ILE A 253 -20.99 6.64 -7.57
C ILE A 253 -19.99 5.50 -7.35
N LEU A 254 -18.71 5.86 -7.23
CA LEU A 254 -17.66 4.87 -7.00
C LEU A 254 -17.28 4.87 -5.51
N SER A 255 -17.11 3.69 -4.94
CA SER A 255 -16.74 3.57 -3.54
C SER A 255 -15.30 4.04 -3.34
N PRO A 256 -14.91 4.29 -2.08
CA PRO A 256 -13.55 4.74 -1.76
C PRO A 256 -12.48 3.74 -2.22
N GLU A 257 -12.91 2.53 -2.58
CA GLU A 257 -11.98 1.52 -3.06
C GLU A 257 -11.36 2.02 -4.38
N TYR A 258 -12.10 2.86 -5.09
CA TYR A 258 -11.62 3.39 -6.36
C TYR A 258 -10.71 4.61 -6.22
N CYS A 259 -10.55 5.09 -4.98
CA CYS A 259 -9.73 6.25 -4.71
C CYS A 259 -9.33 6.31 -3.24
N TRP A 260 -8.50 5.36 -2.82
CA TRP A 260 -8.17 5.19 -1.42
C TRP A 260 -6.88 5.82 -0.92
N ASP A 261 -6.93 6.36 0.29
CA ASP A 261 -5.78 6.96 0.94
C ASP A 261 -5.34 6.04 2.07
N TYR A 262 -4.21 5.37 1.89
CA TYR A 262 -3.72 4.46 2.91
C TYR A 262 -3.37 5.13 4.22
N HIS A 263 -3.33 6.46 4.23
CA HIS A 263 -3.05 7.17 5.48
C HIS A 263 -4.17 6.88 6.48
N ILE A 264 -5.31 6.47 5.95
CA ILE A 264 -6.48 6.15 6.76
C ILE A 264 -6.35 4.78 7.40
N GLY A 265 -5.60 3.91 6.75
CA GLY A 265 -5.44 2.55 7.22
C GLY A 265 -6.10 1.69 6.15
N LEU A 266 -6.74 0.61 6.57
CA LEU A 266 -7.43 -0.29 5.64
C LEU A 266 -8.59 -1.00 6.33
N PRO A 267 -9.67 -0.26 6.56
CA PRO A 267 -10.85 -0.82 7.23
C PRO A 267 -11.50 -1.94 6.46
N ALA A 268 -12.36 -2.69 7.15
CA ALA A 268 -13.06 -3.82 6.55
C ALA A 268 -13.80 -3.50 5.26
N ASP A 269 -14.32 -2.28 5.15
CA ASP A 269 -15.06 -1.86 3.95
C ASP A 269 -14.23 -1.84 2.67
N ILE A 270 -12.93 -1.54 2.79
CA ILE A 270 -12.05 -1.45 1.63
C ILE A 270 -11.50 -2.85 1.26
N LYS A 271 -12.24 -3.53 0.38
CA LYS A 271 -11.90 -4.90 -0.04
C LYS A 271 -10.78 -5.08 -1.07
N LEU A 272 -10.73 -4.22 -2.07
CA LEU A 272 -9.70 -4.30 -3.10
C LEU A 272 -9.54 -2.91 -3.69
N VAL A 273 -8.39 -2.30 -3.43
CA VAL A 273 -8.12 -0.96 -3.91
C VAL A 273 -7.78 -0.91 -5.40
N LYS A 274 -8.51 -0.08 -6.15
CA LYS A 274 -8.27 0.06 -7.58
C LYS A 274 -7.32 1.22 -7.85
N MET A 275 -7.30 2.19 -6.94
CA MET A 275 -6.44 3.37 -7.08
C MET A 275 -6.18 3.97 -5.72
N SER A 276 -4.95 4.43 -5.50
CA SER A 276 -4.59 5.01 -4.22
C SER A 276 -3.96 6.39 -4.35
N TRP A 277 -4.14 7.21 -3.32
CA TRP A 277 -3.58 8.56 -3.29
C TRP A 277 -2.06 8.42 -3.18
N GLN A 278 -1.31 9.27 -3.86
CA GLN A 278 0.15 9.21 -3.75
C GLN A 278 0.44 9.75 -2.36
N THR A 279 1.64 9.46 -1.86
CA THR A 279 2.06 9.93 -0.55
C THR A 279 1.23 11.12 -0.11
N LYS A 280 1.13 12.13 -0.97
CA LYS A 280 0.59 13.42 -0.58
C LYS A 280 1.56 14.56 -0.83
N GLU A 281 2.85 14.32 -0.60
CA GLU A 281 3.84 15.36 -0.83
C GLU A 281 4.45 15.89 0.45
N TYR A 282 4.47 17.22 0.59
CA TYR A 282 5.03 17.84 1.77
C TYR A 282 6.34 18.55 1.48
N ASN A 283 6.88 18.32 0.28
CA ASN A 283 8.13 18.95 -0.09
C ASN A 283 8.09 19.57 -1.48
N VAL A 284 8.32 18.75 -2.50
CA VAL A 284 8.31 19.24 -3.86
C VAL A 284 6.89 19.46 -4.39
N VAL A 285 6.69 19.18 -5.67
CA VAL A 285 5.39 19.35 -6.27
C VAL A 285 4.97 20.81 -6.38
N ARG A 286 5.01 21.51 -5.26
CA ARG A 286 4.64 22.93 -5.19
C ARG A 286 5.84 23.74 -4.69
N LYS B 3 38.84 -2.04 10.54
CA LYS B 3 37.64 -2.46 11.34
C LYS B 3 36.48 -1.50 11.11
N LEU B 4 35.28 -2.06 10.86
CA LEU B 4 34.08 -1.25 10.61
C LEU B 4 33.42 -0.81 11.91
N LYS B 5 33.15 0.49 12.03
CA LYS B 5 32.51 0.99 13.25
C LYS B 5 31.10 1.48 12.93
N LEU B 6 30.27 1.58 13.95
CA LEU B 6 28.89 2.04 13.78
C LEU B 6 28.78 3.33 12.98
N SER B 7 29.52 4.35 13.39
CA SER B 7 29.47 5.65 12.71
C SER B 7 29.90 5.57 11.25
N ASP B 8 30.50 4.46 10.84
CA ASP B 8 30.93 4.31 9.46
C ASP B 8 29.73 4.14 8.53
N TRP B 9 28.61 3.66 9.07
CA TRP B 9 27.43 3.42 8.24
C TRP B 9 26.12 3.89 8.86
N PHE B 10 26.13 4.15 10.16
CA PHE B 10 24.92 4.57 10.86
C PHE B 10 24.96 6.01 11.33
N ASN B 11 23.92 6.76 11.01
CA ASN B 11 23.82 8.16 11.42
C ASN B 11 22.44 8.39 12.01
N PRO B 12 22.31 8.22 13.33
CA PRO B 12 21.00 8.41 13.99
C PRO B 12 20.40 9.81 13.86
N PHE B 13 21.25 10.82 13.68
CA PHE B 13 20.77 12.19 13.60
C PHE B 13 19.86 12.50 12.40
N LYS B 14 19.78 11.58 11.45
CA LYS B 14 18.92 11.79 10.28
C LYS B 14 17.46 11.50 10.67
N ARG B 15 17.26 10.87 11.81
CA ARG B 15 15.91 10.54 12.28
C ARG B 15 15.83 10.85 13.77
N PRO B 16 15.85 12.14 14.10
CA PRO B 16 15.79 12.59 15.49
C PRO B 16 14.44 12.43 16.17
N GLU B 17 13.42 12.09 15.40
CA GLU B 17 12.08 11.96 15.98
C GLU B 17 11.68 10.55 16.41
N VAL B 18 12.62 9.60 16.33
CA VAL B 18 12.33 8.22 16.72
C VAL B 18 13.51 7.62 17.46
N VAL B 19 13.29 6.48 18.12
CA VAL B 19 14.37 5.81 18.85
C VAL B 19 15.35 5.20 17.85
N THR B 20 16.60 5.63 17.90
CA THR B 20 17.63 5.14 16.99
C THR B 20 18.76 4.36 17.67
N MET B 21 18.76 4.34 19.00
CA MET B 21 19.78 3.61 19.76
C MET B 21 19.15 3.12 21.06
N THR B 22 19.30 1.83 21.35
CA THR B 22 18.72 1.27 22.57
C THR B 22 19.57 1.66 23.75
N LYS B 23 19.05 1.43 24.96
CA LYS B 23 19.79 1.76 26.16
C LYS B 23 21.08 0.95 26.21
N TRP B 24 21.10 -0.21 25.56
CA TRP B 24 22.31 -1.04 25.55
C TRP B 24 23.17 -0.76 24.34
N LYS B 25 22.90 0.38 23.72
CA LYS B 25 23.67 0.88 22.59
C LYS B 25 23.60 0.16 21.25
N ALA B 26 22.47 -0.49 20.98
CA ALA B 26 22.29 -1.17 19.71
C ALA B 26 21.51 -0.23 18.80
N PRO B 27 21.86 -0.18 17.52
CA PRO B 27 21.14 0.71 16.60
C PRO B 27 19.77 0.17 16.21
N VAL B 28 18.82 1.07 16.05
CA VAL B 28 17.48 0.72 15.60
C VAL B 28 17.49 1.35 14.21
N VAL B 29 17.59 0.50 13.19
CA VAL B 29 17.69 0.98 11.82
C VAL B 29 16.41 1.52 11.20
N TRP B 30 16.43 2.82 10.89
CA TRP B 30 15.31 3.51 10.27
C TRP B 30 15.77 4.05 8.92
N GLU B 31 14.82 4.20 8.00
CA GLU B 31 15.13 4.76 6.69
C GLU B 31 15.80 6.12 6.89
N GLY B 32 16.91 6.33 6.20
CA GLY B 32 17.62 7.59 6.31
C GLY B 32 18.83 7.55 7.20
N THR B 33 18.88 6.58 8.10
CA THR B 33 20.00 6.47 9.03
C THR B 33 21.13 5.59 8.55
N TYR B 34 20.90 4.82 7.48
CA TYR B 34 21.94 3.92 7.00
C TYR B 34 22.57 4.28 5.66
N ASN B 35 23.81 3.82 5.49
CA ASN B 35 24.56 4.03 4.25
C ASN B 35 24.71 2.64 3.65
N ARG B 36 23.80 2.26 2.76
CA ARG B 36 23.87 0.93 2.17
C ARG B 36 25.07 0.74 1.25
N ALA B 37 25.48 1.82 0.57
CA ALA B 37 26.62 1.72 -0.35
C ALA B 37 27.87 1.28 0.41
N VAL B 38 28.16 1.95 1.51
CA VAL B 38 29.33 1.62 2.32
C VAL B 38 29.28 0.17 2.78
N LEU B 39 28.10 -0.28 3.21
CA LEU B 39 27.97 -1.65 3.69
C LEU B 39 28.08 -2.68 2.57
N ASP B 40 27.49 -2.39 1.40
CA ASP B 40 27.57 -3.34 0.28
C ASP B 40 29.04 -3.59 -0.07
N ASN B 41 29.82 -2.52 -0.13
CA ASN B 41 31.23 -2.68 -0.47
C ASN B 41 31.89 -3.51 0.62
N TYR B 42 31.71 -3.10 1.87
CA TYR B 42 32.29 -3.82 2.99
C TYR B 42 32.02 -5.32 2.94
N TYR B 43 30.76 -5.71 2.82
CA TYR B 43 30.40 -7.11 2.78
C TYR B 43 30.77 -7.85 1.49
N ALA B 44 30.72 -7.13 0.36
CA ALA B 44 31.07 -7.74 -0.91
C ALA B 44 32.51 -8.20 -0.86
N LYS B 45 33.38 -7.36 -0.27
CA LYS B 45 34.79 -7.69 -0.16
C LYS B 45 34.97 -8.92 0.73
N GLN B 46 33.98 -9.16 1.59
CA GLN B 46 33.97 -10.32 2.48
C GLN B 46 33.37 -11.51 1.77
N LYS B 47 32.58 -11.22 0.73
CA LYS B 47 31.91 -12.27 -0.04
C LYS B 47 30.99 -13.06 0.87
N ILE B 48 30.05 -12.38 1.51
CA ILE B 48 29.10 -13.03 2.40
C ILE B 48 27.94 -13.66 1.60
N THR B 49 27.28 -14.61 2.24
CA THR B 49 26.13 -15.29 1.66
C THR B 49 25.05 -15.19 2.72
N VAL B 50 23.86 -14.74 2.33
CA VAL B 50 22.77 -14.59 3.29
C VAL B 50 21.67 -15.60 3.00
N GLY B 51 21.20 -16.27 4.05
CA GLY B 51 20.14 -17.25 3.91
C GLY B 51 18.82 -16.68 4.40
N LEU B 52 17.74 -17.30 3.96
CA LEU B 52 16.41 -16.85 4.36
C LEU B 52 15.48 -18.06 4.41
N THR B 53 14.93 -18.35 5.58
CA THR B 53 14.00 -19.48 5.72
C THR B 53 12.57 -18.97 5.66
N VAL B 54 11.68 -19.79 5.13
CA VAL B 54 10.27 -19.43 5.05
C VAL B 54 9.45 -20.71 4.99
N PHE B 55 8.41 -20.77 5.80
CA PHE B 55 7.53 -21.93 5.86
C PHE B 55 6.19 -21.63 5.20
N ALA B 56 5.68 -22.59 4.44
CA ALA B 56 4.39 -22.45 3.78
C ALA B 56 3.71 -23.81 3.90
N VAL B 57 2.75 -23.90 4.82
CA VAL B 57 2.02 -25.15 5.05
C VAL B 57 0.53 -25.00 4.77
N GLY B 58 -0.03 -25.98 4.05
CA GLY B 58 -1.44 -25.93 3.73
C GLY B 58 -1.77 -24.80 2.77
N ARG B 59 -2.86 -24.09 3.05
CA ARG B 59 -3.34 -22.97 2.22
C ARG B 59 -2.32 -21.88 1.98
N TYR B 60 -1.43 -21.67 2.94
CA TYR B 60 -0.42 -20.62 2.81
C TYR B 60 0.45 -20.77 1.58
N ILE B 61 0.57 -21.99 1.06
CA ILE B 61 1.38 -22.20 -0.12
C ILE B 61 0.81 -21.39 -1.29
N GLU B 62 -0.42 -21.69 -1.70
CA GLU B 62 -1.01 -20.96 -2.82
C GLU B 62 -1.38 -19.50 -2.51
N HIS B 63 -1.62 -19.19 -1.24
CA HIS B 63 -1.98 -17.84 -0.87
C HIS B 63 -0.82 -16.84 -0.73
N TYR B 64 0.34 -17.31 -0.27
CA TYR B 64 1.45 -16.39 -0.03
C TYR B 64 2.86 -16.69 -0.53
N LEU B 65 3.21 -17.96 -0.70
CA LEU B 65 4.57 -18.29 -1.09
C LEU B 65 5.13 -17.66 -2.34
N GLU B 66 4.40 -17.70 -3.46
CA GLU B 66 4.92 -17.12 -4.69
C GLU B 66 5.18 -15.62 -4.55
N GLU B 67 4.23 -14.92 -3.95
CA GLU B 67 4.38 -13.48 -3.77
C GLU B 67 5.56 -13.17 -2.86
N PHE B 68 5.73 -13.95 -1.80
CA PHE B 68 6.83 -13.76 -0.88
C PHE B 68 8.16 -13.93 -1.64
N LEU B 69 8.31 -15.09 -2.28
CA LEU B 69 9.53 -15.41 -3.02
C LEU B 69 9.82 -14.45 -4.18
N THR B 70 8.80 -14.11 -4.95
CA THR B 70 8.99 -13.20 -6.06
C THR B 70 9.49 -11.85 -5.56
N SER B 71 8.94 -11.39 -4.45
CA SER B 71 9.35 -10.09 -3.90
C SER B 71 10.75 -10.15 -3.28
N ALA B 72 11.05 -11.25 -2.59
CA ALA B 72 12.37 -11.43 -1.97
C ALA B 72 13.48 -11.47 -3.02
N ASN B 73 13.19 -12.15 -4.13
CA ASN B 73 14.17 -12.26 -5.21
C ASN B 73 14.57 -10.87 -5.69
N LYS B 74 13.59 -9.99 -5.77
CA LYS B 74 13.78 -8.63 -6.25
C LYS B 74 14.34 -7.62 -5.25
N HIS B 75 14.04 -7.79 -3.97
CA HIS B 75 14.45 -6.82 -2.97
C HIS B 75 15.42 -7.26 -1.86
N PHE B 76 15.47 -8.56 -1.59
CA PHE B 76 16.30 -9.08 -0.51
C PHE B 76 17.79 -9.23 -0.79
N MET B 77 18.59 -8.47 -0.03
CA MET B 77 20.04 -8.50 -0.12
C MET B 77 20.57 -8.45 -1.55
N VAL B 78 20.00 -7.57 -2.37
CA VAL B 78 20.43 -7.45 -3.76
C VAL B 78 21.92 -7.15 -3.87
N GLY B 79 22.60 -7.88 -4.76
CA GLY B 79 24.03 -7.69 -4.94
C GLY B 79 24.86 -8.68 -4.16
N HIS B 80 24.21 -9.56 -3.41
CA HIS B 80 24.91 -10.57 -2.61
C HIS B 80 24.28 -11.95 -2.79
N PRO B 81 25.08 -13.02 -2.66
CA PRO B 81 24.55 -14.38 -2.80
C PRO B 81 23.50 -14.66 -1.73
N VAL B 82 22.36 -15.18 -2.15
CA VAL B 82 21.28 -15.50 -1.21
C VAL B 82 20.76 -16.90 -1.47
N ILE B 83 20.42 -17.61 -0.40
CA ILE B 83 19.86 -18.93 -0.54
C ILE B 83 18.52 -18.94 0.19
N PHE B 84 17.46 -19.28 -0.55
CA PHE B 84 16.13 -19.35 0.04
C PHE B 84 15.88 -20.79 0.48
N TYR B 85 15.63 -20.97 1.77
CA TYR B 85 15.34 -22.29 2.32
C TYR B 85 13.83 -22.35 2.47
N ILE B 86 13.18 -23.13 1.60
CA ILE B 86 11.73 -23.23 1.59
C ILE B 86 11.20 -24.50 2.22
N MET B 87 10.43 -24.34 3.29
CA MET B 87 9.84 -25.46 4.01
C MET B 87 8.34 -25.56 3.70
N VAL B 88 7.92 -26.66 3.07
CA VAL B 88 6.52 -26.87 2.74
C VAL B 88 6.08 -28.31 3.04
N ASP B 89 4.77 -28.52 3.16
CA ASP B 89 4.26 -29.86 3.45
C ASP B 89 3.91 -30.60 2.17
N ASP B 90 3.79 -29.86 1.07
CA ASP B 90 3.45 -30.43 -0.23
C ASP B 90 4.39 -29.83 -1.27
N VAL B 91 5.51 -30.51 -1.54
CA VAL B 91 6.51 -30.00 -2.49
C VAL B 91 5.99 -29.88 -3.92
N SER B 92 5.04 -30.73 -4.28
CA SER B 92 4.47 -30.73 -5.62
C SER B 92 3.62 -29.49 -5.89
N ARG B 93 3.36 -28.67 -4.88
CA ARG B 93 2.54 -27.49 -5.11
C ARG B 93 3.36 -26.20 -5.00
N MET B 94 4.66 -26.36 -4.78
CA MET B 94 5.61 -25.26 -4.64
C MET B 94 5.89 -24.53 -5.97
N PRO B 95 5.56 -23.23 -6.05
CA PRO B 95 5.79 -22.48 -7.29
C PRO B 95 7.27 -22.26 -7.58
N LEU B 96 7.72 -22.63 -8.77
CA LEU B 96 9.15 -22.48 -9.11
C LEU B 96 9.43 -21.24 -9.95
N ILE B 97 9.20 -20.06 -9.38
CA ILE B 97 9.44 -18.81 -10.10
C ILE B 97 10.87 -18.78 -10.62
N GLU B 98 11.18 -17.80 -11.44
CA GLU B 98 12.53 -17.68 -11.96
C GLU B 98 13.30 -16.79 -10.99
N LEU B 99 14.50 -17.23 -10.60
CA LEU B 99 15.30 -16.44 -9.69
C LEU B 99 16.35 -15.67 -10.47
N GLY B 100 16.71 -14.51 -9.95
CA GLY B 100 17.70 -13.68 -10.61
C GLY B 100 19.12 -13.97 -10.18
N PRO B 101 20.08 -13.17 -10.64
CA PRO B 101 21.50 -13.33 -10.29
C PRO B 101 21.75 -13.40 -8.79
N LEU B 102 22.63 -14.31 -8.39
CA LEU B 102 23.02 -14.50 -7.00
C LEU B 102 21.94 -15.07 -6.09
N ARG B 103 20.86 -15.58 -6.67
CA ARG B 103 19.80 -16.20 -5.88
C ARG B 103 19.72 -17.68 -6.25
N SER B 104 19.41 -18.52 -5.26
CA SER B 104 19.24 -19.95 -5.48
C SER B 104 18.47 -20.46 -4.28
N PHE B 105 18.02 -21.71 -4.33
CA PHE B 105 17.32 -22.24 -3.18
C PHE B 105 17.40 -23.73 -2.94
N LYS B 106 16.76 -24.14 -1.87
CA LYS B 106 16.72 -25.52 -1.44
C LYS B 106 15.34 -25.68 -0.84
N VAL B 107 14.62 -26.71 -1.26
CA VAL B 107 13.27 -26.97 -0.76
C VAL B 107 13.25 -28.25 0.08
N PHE B 108 12.52 -28.21 1.19
CA PHE B 108 12.39 -29.36 2.06
C PHE B 108 10.92 -29.62 2.37
N LYS B 109 10.56 -30.90 2.37
CA LYS B 109 9.19 -31.33 2.67
C LYS B 109 9.14 -31.56 4.18
N ILE B 110 8.20 -30.91 4.87
CA ILE B 110 8.08 -31.07 6.30
C ILE B 110 6.71 -31.61 6.68
N LYS B 111 6.59 -32.10 7.91
CA LYS B 111 5.31 -32.61 8.39
C LYS B 111 4.39 -31.43 8.68
N PRO B 112 3.13 -31.51 8.22
CA PRO B 112 2.20 -30.41 8.48
C PRO B 112 1.58 -30.63 9.85
N GLU B 113 1.89 -29.76 10.81
CA GLU B 113 1.33 -29.90 12.15
C GLU B 113 -0.18 -29.70 12.02
N LYS B 114 -0.95 -30.42 12.82
CA LYS B 114 -2.41 -30.31 12.75
C LYS B 114 -2.96 -28.98 13.24
N ARG B 115 -2.47 -28.49 14.39
CA ARG B 115 -2.96 -27.20 14.93
C ARG B 115 -2.14 -26.05 14.36
N TRP B 116 -2.82 -25.00 13.89
CA TRP B 116 -2.11 -23.86 13.33
C TRP B 116 -1.09 -23.29 14.32
N GLN B 117 -1.38 -23.43 15.61
CA GLN B 117 -0.46 -22.93 16.63
C GLN B 117 0.87 -23.68 16.57
N ASP B 118 0.80 -24.98 16.31
CA ASP B 118 2.00 -25.81 16.23
C ASP B 118 2.75 -25.60 14.91
N ILE B 119 2.01 -25.28 13.86
CA ILE B 119 2.67 -25.04 12.58
C ILE B 119 3.61 -23.85 12.79
N SER B 120 3.13 -22.87 13.54
CA SER B 120 3.93 -21.68 13.81
C SER B 120 5.08 -21.98 14.75
N MET B 121 4.78 -22.61 15.90
CA MET B 121 5.79 -22.91 16.90
C MET B 121 6.85 -23.94 16.51
N MET B 122 6.46 -24.99 15.80
CA MET B 122 7.43 -26.01 15.41
C MET B 122 8.51 -25.48 14.47
N ARG B 123 8.28 -24.30 13.89
CA ARG B 123 9.27 -23.68 13.03
C ARG B 123 10.58 -23.53 13.79
N MET B 124 10.47 -23.23 15.08
CA MET B 124 11.65 -23.06 15.93
C MET B 124 12.47 -24.34 16.00
N LYS B 125 11.81 -25.48 16.03
CA LYS B 125 12.52 -26.75 16.07
C LYS B 125 13.15 -27.05 14.72
N THR B 126 12.37 -26.92 13.66
CA THR B 126 12.84 -27.20 12.30
C THR B 126 14.01 -26.32 11.89
N ILE B 127 13.88 -25.02 12.13
CA ILE B 127 14.96 -24.10 11.78
C ILE B 127 16.24 -24.55 12.48
N GLY B 128 16.13 -24.88 13.76
CA GLY B 128 17.30 -25.33 14.50
C GLY B 128 17.98 -26.53 13.89
N GLU B 129 17.21 -27.57 13.57
CA GLU B 129 17.76 -28.78 12.96
C GLU B 129 18.49 -28.47 11.67
N HIS B 130 17.87 -27.64 10.84
CA HIS B 130 18.47 -27.27 9.57
C HIS B 130 19.74 -26.45 9.73
N ILE B 131 19.79 -25.59 10.74
CA ILE B 131 21.00 -24.80 10.94
C ILE B 131 22.16 -25.74 11.25
N VAL B 132 21.95 -26.67 12.17
CA VAL B 132 22.99 -27.62 12.55
C VAL B 132 23.40 -28.51 11.37
N ALA B 133 22.41 -29.04 10.68
CA ALA B 133 22.66 -29.92 9.54
C ALA B 133 23.36 -29.25 8.35
N HIS B 134 22.99 -28.01 8.01
CA HIS B 134 23.61 -27.39 6.84
C HIS B 134 23.74 -25.87 6.74
N ILE B 135 22.74 -25.14 7.20
CA ILE B 135 22.76 -23.69 7.09
C ILE B 135 24.00 -23.02 7.68
N GLN B 136 24.48 -23.51 8.81
CA GLN B 136 25.66 -22.91 9.44
C GLN B 136 26.91 -23.02 8.57
N HIS B 137 26.87 -23.95 7.62
CA HIS B 137 28.00 -24.17 6.71
C HIS B 137 27.76 -23.53 5.35
N GLU B 138 26.59 -22.92 5.17
CA GLU B 138 26.25 -22.34 3.88
C GLU B 138 26.13 -20.82 3.84
N VAL B 139 25.82 -20.19 4.97
CA VAL B 139 25.66 -18.73 4.98
C VAL B 139 26.34 -18.04 6.15
N ASP B 140 26.54 -16.73 6.00
CA ASP B 140 27.18 -15.91 7.03
C ASP B 140 26.13 -15.29 7.94
N PHE B 141 24.97 -15.04 7.38
CA PHE B 141 23.83 -14.46 8.11
C PHE B 141 22.57 -15.16 7.68
N LEU B 142 21.61 -15.24 8.59
CA LEU B 142 20.34 -15.91 8.30
C LEU B 142 19.15 -15.12 8.82
N PHE B 143 18.09 -15.05 8.03
CA PHE B 143 16.87 -14.39 8.47
C PHE B 143 15.78 -15.44 8.41
N CYS B 144 14.84 -15.37 9.34
CA CYS B 144 13.73 -16.32 9.39
C CYS B 144 12.47 -15.47 9.36
N MET B 145 11.62 -15.71 8.37
CA MET B 145 10.42 -14.91 8.22
C MET B 145 9.11 -15.63 8.00
N ASP B 146 8.04 -14.91 8.33
CA ASP B 146 6.68 -15.39 8.11
C ASP B 146 6.52 -15.33 6.60
N VAL B 147 5.64 -16.17 6.05
CA VAL B 147 5.43 -16.18 4.61
C VAL B 147 4.36 -15.17 4.18
N ASP B 148 3.44 -14.85 5.08
CA ASP B 148 2.36 -13.92 4.77
C ASP B 148 2.73 -12.45 4.77
N GLN B 149 3.78 -12.12 4.02
CA GLN B 149 4.26 -10.74 3.88
C GLN B 149 4.90 -10.59 2.52
N VAL B 150 5.14 -9.34 2.13
CA VAL B 150 5.71 -9.03 0.82
C VAL B 150 6.77 -7.93 0.90
N PHE B 151 7.88 -8.14 0.22
CA PHE B 151 8.93 -7.12 0.18
C PHE B 151 8.44 -6.03 -0.76
N GLN B 152 8.47 -4.78 -0.31
CA GLN B 152 8.03 -3.64 -1.11
C GLN B 152 9.19 -2.84 -1.68
N ASP B 153 10.34 -2.90 -1.00
CA ASP B 153 11.53 -2.19 -1.45
C ASP B 153 12.76 -2.89 -0.91
N LYS B 154 13.92 -2.29 -1.17
CA LYS B 154 15.20 -2.87 -0.76
C LYS B 154 15.35 -3.17 0.74
N PHE B 155 15.63 -4.45 1.02
CA PHE B 155 15.84 -4.96 2.38
C PHE B 155 17.28 -5.47 2.29
N GLY B 156 18.24 -4.58 2.55
CA GLY B 156 19.64 -4.93 2.39
C GLY B 156 20.54 -5.24 3.57
N VAL B 157 21.84 -5.18 3.30
CA VAL B 157 22.86 -5.48 4.29
C VAL B 157 22.81 -4.60 5.52
N GLU B 158 22.10 -3.48 5.43
CA GLU B 158 22.01 -2.59 6.59
C GLU B 158 21.27 -3.27 7.73
N THR B 159 20.62 -4.39 7.43
CA THR B 159 19.87 -5.13 8.43
C THR B 159 20.67 -6.30 9.02
N LEU B 160 21.87 -6.53 8.52
CA LEU B 160 22.70 -7.63 9.02
C LEU B 160 23.29 -7.33 10.40
N GLY B 161 23.46 -8.39 11.19
CA GLY B 161 24.01 -8.23 12.52
C GLY B 161 24.12 -9.57 13.23
N GLU B 162 24.74 -9.56 14.40
CA GLU B 162 24.92 -10.76 15.20
C GLU B 162 23.56 -11.39 15.56
N SER B 163 22.65 -10.56 16.05
CA SER B 163 21.30 -11.01 16.38
C SER B 163 20.42 -9.81 16.05
N VAL B 164 19.43 -10.04 15.20
CA VAL B 164 18.55 -8.98 14.73
C VAL B 164 17.08 -9.21 15.11
N ALA B 165 16.46 -8.19 15.69
CA ALA B 165 15.06 -8.23 16.10
C ALA B 165 14.25 -7.20 15.31
N GLN B 166 12.96 -7.46 15.18
CA GLN B 166 12.05 -6.58 14.44
C GLN B 166 11.02 -5.96 15.38
N LEU B 167 10.84 -4.65 15.30
CA LEU B 167 9.84 -4.00 16.16
C LEU B 167 8.46 -4.27 15.57
N GLN B 168 7.54 -4.69 16.42
CA GLN B 168 6.18 -4.98 15.98
C GLN B 168 5.54 -3.63 15.64
N ALA B 169 4.95 -3.54 14.45
CA ALA B 169 4.36 -2.30 13.95
C ALA B 169 3.30 -1.64 14.82
N TRP B 170 2.42 -2.44 15.43
CA TRP B 170 1.34 -1.91 16.27
C TRP B 170 1.77 -1.45 17.65
N TRP B 171 2.97 -1.81 18.08
CA TRP B 171 3.41 -1.47 19.44
C TRP B 171 4.71 -0.69 19.61
N TYR B 172 5.35 -0.28 18.52
CA TYR B 172 6.64 0.40 18.66
C TYR B 172 6.66 1.68 19.48
N LYS B 173 5.51 2.30 19.69
CA LYS B 173 5.46 3.54 20.48
C LYS B 173 4.78 3.32 21.83
N ALA B 174 4.40 2.08 22.12
CA ALA B 174 3.73 1.77 23.36
C ALA B 174 4.67 1.65 24.57
N ASP B 175 4.07 1.76 25.74
CA ASP B 175 4.77 1.66 27.02
C ASP B 175 4.97 0.17 27.33
N PRO B 176 6.18 -0.24 27.75
CA PRO B 176 6.46 -1.64 28.07
C PRO B 176 5.47 -2.25 29.06
N ASN B 177 4.94 -1.42 29.95
CA ASN B 177 3.97 -1.92 30.94
C ASN B 177 2.70 -2.38 30.25
N ASP B 178 2.52 -1.95 29.00
CA ASP B 178 1.31 -2.33 28.24
C ASP B 178 1.49 -3.40 27.17
N PHE B 179 2.74 -3.82 26.93
CA PHE B 179 3.03 -4.84 25.91
C PHE B 179 2.26 -6.14 26.18
N THR B 180 1.81 -6.79 25.11
CA THR B 180 1.12 -8.07 25.23
C THR B 180 2.12 -9.22 25.33
N TYR B 181 3.01 -9.14 26.31
CA TYR B 181 3.93 -10.23 26.61
C TYR B 181 3.08 -11.29 27.31
N GLU B 182 3.63 -12.49 27.49
CA GLU B 182 2.92 -13.53 28.20
C GLU B 182 3.05 -13.10 29.66
N ARG B 183 1.93 -12.94 30.36
CA ARG B 183 1.97 -12.48 31.74
C ARG B 183 1.71 -13.54 32.81
N ARG B 184 1.38 -14.76 32.40
CA ARG B 184 1.14 -15.84 33.36
C ARG B 184 2.47 -16.42 33.83
N LYS B 185 2.74 -16.34 35.14
CA LYS B 185 3.99 -16.85 35.70
C LYS B 185 4.22 -18.33 35.44
N GLU B 186 3.15 -19.06 35.13
CA GLU B 186 3.24 -20.49 34.88
C GLU B 186 3.85 -20.82 33.52
N SER B 187 3.97 -19.81 32.65
CA SER B 187 4.53 -20.01 31.31
C SER B 187 6.00 -19.64 31.27
N ALA B 188 6.78 -20.39 30.49
CA ALA B 188 8.20 -20.14 30.34
C ALA B 188 8.47 -18.84 29.60
N ALA B 189 7.46 -18.30 28.94
CA ALA B 189 7.61 -17.05 28.19
C ALA B 189 7.31 -15.83 29.07
N TYR B 190 6.97 -16.09 30.32
CA TYR B 190 6.62 -15.05 31.28
C TYR B 190 7.57 -13.87 31.39
N ILE B 191 7.02 -12.67 31.30
CA ILE B 191 7.77 -11.43 31.47
C ILE B 191 6.98 -10.57 32.46
N PRO B 192 7.52 -10.36 33.66
CA PRO B 192 6.87 -9.55 34.72
C PRO B 192 6.49 -8.15 34.29
N PHE B 193 5.37 -7.64 34.81
CA PHE B 193 4.97 -6.28 34.48
C PHE B 193 6.11 -5.38 34.94
N GLY B 194 6.42 -4.37 34.15
CA GLY B 194 7.52 -3.47 34.49
C GLY B 194 8.80 -3.78 33.74
N GLU B 195 8.97 -5.03 33.31
CA GLU B 195 10.17 -5.41 32.56
C GLU B 195 9.88 -5.40 31.06
N GLY B 196 10.92 -5.22 30.26
CA GLY B 196 10.75 -5.21 28.82
C GLY B 196 11.35 -3.98 28.15
N ASP B 197 11.97 -4.19 27.00
CA ASP B 197 12.58 -3.10 26.26
C ASP B 197 11.63 -2.69 25.12
N PHE B 198 11.33 -3.64 24.26
CA PHE B 198 10.44 -3.41 23.11
C PHE B 198 9.60 -4.66 22.89
N TYR B 199 8.59 -4.55 22.03
CA TYR B 199 7.78 -5.71 21.70
C TYR B 199 8.18 -6.10 20.30
N TYR B 200 8.88 -7.23 20.18
CA TYR B 200 9.38 -7.72 18.91
C TYR B 200 8.40 -8.61 18.16
N HIS B 201 8.47 -8.53 16.84
CA HIS B 201 7.60 -9.29 15.95
C HIS B 201 8.35 -10.54 15.52
N ALA B 202 7.75 -11.71 15.76
CA ALA B 202 8.39 -12.97 15.38
C ALA B 202 8.29 -13.27 13.88
N ALA B 203 7.71 -12.34 13.11
CA ALA B 203 7.60 -12.52 11.67
C ALA B 203 8.94 -12.30 10.97
N ILE B 204 9.88 -11.70 11.71
CA ILE B 204 11.23 -11.44 11.20
C ILE B 204 12.27 -11.42 12.31
N PHE B 205 13.25 -12.32 12.23
CA PHE B 205 14.36 -12.34 13.18
C PHE B 205 15.55 -12.98 12.47
N GLY B 206 16.76 -12.61 12.88
CA GLY B 206 17.93 -13.18 12.22
C GLY B 206 19.23 -12.93 12.96
N GLY B 207 20.34 -13.15 12.26
CA GLY B 207 21.66 -12.95 12.83
C GLY B 207 22.58 -13.98 12.22
N THR B 208 23.70 -14.29 12.86
CA THR B 208 24.60 -15.30 12.34
C THR B 208 23.92 -16.64 12.59
N PRO B 209 24.21 -17.67 11.78
CA PRO B 209 23.57 -18.96 11.99
C PRO B 209 23.64 -19.51 13.42
N THR B 210 24.79 -19.46 14.06
CA THR B 210 24.88 -19.99 15.42
C THR B 210 24.05 -19.17 16.41
N GLN B 211 23.94 -17.86 16.18
CA GLN B 211 23.13 -17.03 17.06
C GLN B 211 21.67 -17.44 16.89
N VAL B 212 21.23 -17.54 15.65
CA VAL B 212 19.85 -17.91 15.35
C VAL B 212 19.55 -19.28 15.93
N LEU B 213 20.53 -20.17 15.89
CA LEU B 213 20.37 -21.50 16.45
C LEU B 213 20.07 -21.39 17.94
N ASN B 214 20.77 -20.50 18.63
CA ASN B 214 20.51 -20.34 20.05
C ASN B 214 19.12 -19.74 20.26
N ILE B 215 18.76 -18.76 19.44
CA ILE B 215 17.45 -18.14 19.56
C ILE B 215 16.38 -19.22 19.44
N THR B 216 16.45 -20.00 18.37
CA THR B 216 15.46 -21.04 18.13
C THR B 216 15.44 -22.16 19.16
N GLN B 217 16.61 -22.62 19.58
CA GLN B 217 16.66 -23.71 20.55
C GLN B 217 16.09 -23.27 21.90
N GLU B 218 16.42 -22.04 22.32
CA GLU B 218 15.88 -21.53 23.58
C GLU B 218 14.37 -21.38 23.51
N CYS B 219 13.89 -20.76 22.44
CA CYS B 219 12.45 -20.58 22.30
C CYS B 219 11.73 -21.92 22.31
N PHE B 220 12.28 -22.88 21.57
CA PHE B 220 11.63 -24.18 21.52
C PHE B 220 11.65 -24.87 22.89
N LYS B 221 12.74 -24.69 23.64
CA LYS B 221 12.79 -25.28 24.98
C LYS B 221 11.65 -24.70 25.83
N GLY B 222 11.37 -23.41 25.67
CA GLY B 222 10.29 -22.80 26.42
C GLY B 222 8.94 -23.35 25.96
N ILE B 223 8.81 -23.50 24.65
CA ILE B 223 7.59 -24.03 24.05
C ILE B 223 7.31 -25.44 24.57
N LEU B 224 8.36 -26.25 24.68
CA LEU B 224 8.21 -27.62 25.17
C LEU B 224 7.87 -27.64 26.66
N LYS B 225 8.48 -26.74 27.41
CA LYS B 225 8.22 -26.69 28.84
C LYS B 225 6.75 -26.34 29.07
N ASP B 226 6.24 -25.37 28.32
CA ASP B 226 4.84 -25.00 28.47
C ASP B 226 3.94 -26.18 28.12
N LYS B 227 4.32 -26.94 27.09
CA LYS B 227 3.53 -28.09 26.68
C LYS B 227 3.52 -29.11 27.82
N LYS B 228 4.65 -29.24 28.50
CA LYS B 228 4.79 -30.17 29.62
C LYS B 228 3.87 -29.74 30.76
N ASN B 229 3.78 -28.42 30.98
CA ASN B 229 2.94 -27.91 32.04
C ASN B 229 1.51 -27.60 31.62
N ASP B 230 1.12 -28.09 30.45
CA ASP B 230 -0.24 -27.89 29.96
C ASP B 230 -0.64 -26.43 29.84
N ILE B 231 0.29 -25.62 29.34
CA ILE B 231 -0.01 -24.20 29.14
C ILE B 231 0.53 -23.78 27.78
N GLU B 232 -0.16 -22.84 27.14
CA GLU B 232 0.25 -22.36 25.84
C GLU B 232 0.17 -20.85 25.84
N ALA B 233 1.30 -20.19 25.56
CA ALA B 233 1.36 -18.73 25.52
C ALA B 233 0.36 -18.18 24.51
N GLN B 234 -0.32 -17.08 24.89
CA GLN B 234 -1.32 -16.48 24.01
C GLN B 234 -0.82 -16.17 22.61
N TRP B 235 0.41 -15.70 22.49
CA TRP B 235 0.97 -15.36 21.18
C TRP B 235 2.07 -16.32 20.76
N HIS B 236 1.97 -17.53 21.32
CA HIS B 236 2.85 -18.64 21.02
C HIS B 236 4.34 -18.31 20.89
N ASP B 237 4.97 -18.70 19.78
CA ASP B 237 6.40 -18.45 19.63
C ASP B 237 6.81 -16.99 19.72
N GLN B 238 5.89 -16.08 19.41
CA GLN B 238 6.23 -14.66 19.50
C GLN B 238 6.48 -14.28 20.96
N SER B 239 5.70 -14.87 21.87
CA SER B 239 5.86 -14.60 23.29
C SER B 239 7.21 -15.11 23.77
N HIS B 240 7.57 -16.31 23.33
CA HIS B 240 8.84 -16.89 23.72
C HIS B 240 9.99 -16.08 23.14
N LEU B 241 9.82 -15.64 21.89
CA LEU B 241 10.86 -14.84 21.24
C LEU B 241 11.08 -13.53 22.01
N ASN B 242 9.99 -12.98 22.54
CA ASN B 242 10.11 -11.75 23.29
C ASN B 242 10.83 -12.02 24.61
N LYS B 243 10.57 -13.17 25.21
CA LYS B 243 11.24 -13.54 26.45
C LYS B 243 12.74 -13.67 26.13
N TYR B 244 13.05 -14.32 25.01
CA TYR B 244 14.43 -14.53 24.59
C TYR B 244 15.20 -13.23 24.39
N PHE B 245 14.61 -12.29 23.64
CA PHE B 245 15.28 -11.02 23.38
C PHE B 245 15.37 -10.14 24.62
N LEU B 246 14.56 -10.44 25.63
CA LEU B 246 14.64 -9.67 26.87
C LEU B 246 15.93 -10.07 27.59
N LEU B 247 16.18 -11.38 27.60
CA LEU B 247 17.35 -11.95 28.26
C LEU B 247 18.62 -11.95 27.42
N ASN B 248 18.46 -11.86 26.11
CA ASN B 248 19.58 -11.84 25.18
C ASN B 248 19.33 -10.70 24.21
N LYS B 249 19.67 -9.49 24.65
CA LYS B 249 19.44 -8.29 23.84
C LYS B 249 19.96 -8.39 22.40
N PRO B 250 19.14 -8.02 21.42
CA PRO B 250 19.59 -8.10 20.03
C PRO B 250 20.67 -7.03 19.80
N THR B 251 21.60 -7.29 18.89
CA THR B 251 22.66 -6.34 18.60
C THR B 251 22.21 -5.31 17.56
N LYS B 252 21.04 -5.56 16.98
CA LYS B 252 20.46 -4.65 15.98
C LYS B 252 18.95 -4.83 15.96
N ILE B 253 18.22 -3.74 15.78
CA ILE B 253 16.76 -3.80 15.72
C ILE B 253 16.27 -3.07 14.48
N LEU B 254 15.31 -3.66 13.77
CA LEU B 254 14.78 -3.03 12.56
C LEU B 254 13.51 -2.25 12.91
N SER B 255 13.35 -1.07 12.30
CA SER B 255 12.17 -0.24 12.54
C SER B 255 10.97 -0.87 11.88
N PRO B 256 9.76 -0.38 12.22
CA PRO B 256 8.53 -0.92 11.62
C PRO B 256 8.49 -0.76 10.10
N GLU B 257 9.37 0.08 9.57
CA GLU B 257 9.41 0.27 8.12
C GLU B 257 9.80 -1.05 7.45
N TYR B 258 10.48 -1.92 8.22
CA TYR B 258 10.90 -3.20 7.69
C TYR B 258 9.86 -4.31 7.79
N CYS B 259 8.74 -4.00 8.43
CA CYS B 259 7.66 -4.95 8.64
C CYS B 259 6.34 -4.25 8.95
N TRP B 260 5.88 -3.44 8.01
CA TRP B 260 4.73 -2.57 8.23
C TRP B 260 3.36 -3.14 7.89
N ASP B 261 2.37 -2.79 8.70
CA ASP B 261 0.99 -3.24 8.49
C ASP B 261 0.19 -2.01 8.05
N TYR B 262 -0.21 -1.98 6.79
CA TYR B 262 -0.98 -0.85 6.29
C TYR B 262 -2.34 -0.66 6.96
N HIS B 263 -2.75 -1.63 7.77
CA HIS B 263 -4.01 -1.49 8.49
C HIS B 263 -3.87 -0.37 9.52
N ILE B 264 -2.63 -0.09 9.90
CA ILE B 264 -2.36 0.97 10.87
C ILE B 264 -2.49 2.34 10.21
N GLY B 265 -2.17 2.38 8.93
CA GLY B 265 -2.22 3.62 8.18
C GLY B 265 -0.80 3.87 7.74
N LEU B 266 -0.40 5.14 7.63
CA LEU B 266 0.95 5.45 7.21
C LEU B 266 1.36 6.75 7.89
N PRO B 267 1.75 6.67 9.18
CA PRO B 267 2.16 7.85 9.93
C PRO B 267 3.52 8.40 9.48
N ALA B 268 3.84 9.60 9.91
CA ALA B 268 5.07 10.28 9.53
C ALA B 268 6.37 9.49 9.77
N ASP B 269 6.39 8.66 10.80
CA ASP B 269 7.57 7.85 11.14
C ASP B 269 7.93 6.81 10.08
N ILE B 270 6.95 6.38 9.30
CA ILE B 270 7.19 5.35 8.28
C ILE B 270 7.49 6.02 6.94
N LYS B 271 8.78 6.26 6.69
CA LYS B 271 9.23 6.94 5.47
C LYS B 271 9.35 6.11 4.20
N LEU B 272 9.85 4.89 4.32
CA LEU B 272 9.98 4.01 3.16
C LEU B 272 9.79 2.58 3.61
N VAL B 273 8.70 1.97 3.18
CA VAL B 273 8.39 0.60 3.55
C VAL B 273 9.17 -0.43 2.73
N LYS B 274 9.84 -1.34 3.44
CA LYS B 274 10.63 -2.38 2.78
C LYS B 274 9.88 -3.70 2.70
N MET B 275 8.95 -3.90 3.64
CA MET B 275 8.15 -5.11 3.70
C MET B 275 6.82 -4.83 4.39
N SER B 276 5.74 -5.38 3.84
CA SER B 276 4.42 -5.15 4.43
C SER B 276 3.68 -6.45 4.68
N TRP B 277 2.81 -6.42 5.69
CA TRP B 277 2.01 -7.58 6.06
C TRP B 277 1.03 -7.83 4.93
N GLN B 278 0.70 -9.10 4.69
CA GLN B 278 -0.29 -9.43 3.67
C GLN B 278 -1.67 -9.23 4.28
N THR B 279 -2.70 -9.18 3.45
CA THR B 279 -4.09 -9.01 3.94
C THR B 279 -4.41 -9.94 5.12
N LYS B 280 -5.43 -9.69 5.81
#